data_7SE8
#
_entry.id   7SE8
#
_cell.length_a   68.038
_cell.length_b   68.874
_cell.length_c   138.653
_cell.angle_alpha   90.000
_cell.angle_beta   90.000
_cell.angle_gamma   90.000
#
_symmetry.space_group_name_H-M   'P 21 2 21'
#
loop_
_entity.id
_entity.type
_entity.pdbx_description
1 polymer "rRNA 2'-O-methyltransferase fibrillarin"
2 non-polymer (5S)-3-methyl-7-(trifluoromethyl)pyrrolo[1,2-a]pyrazin-1(2H)-one
3 non-polymer 'FORMIC ACID'
4 non-polymer 'DIMETHYL SULFOXIDE'
5 water water
#
_entity_poly.entity_id   1
_entity_poly.type   'polypeptide(L)'
_entity_poly.pdbx_seq_one_letter_code
;SNAGKNVMVEPHRHEGVFICRGKEDALVTKNLVPGESVYGEKRVSISEGDDKIEYRAWNPFRSKLAAAILGGVDQIHIKP
GAKVLYLGAASGTTVSHVSDIVGPDGLVYAVEFSHRSGRDLINLAKKRTNIIPVIEDARHPHKYRMLIAMVDVIFADVAQ
PDQTRIVALNAHTFLRNGGHFVISIKANCIDSTASAEAVFASEVKKMQQENMKPQEQLTLEPYERDHAVVVGVYRPPPKV
KN
;
_entity_poly.pdbx_strand_id   A,B
#
loop_
_chem_comp.id
_chem_comp.type
_chem_comp.name
_chem_comp.formula
8W1 non-polymer (5S)-3-methyl-7-(trifluoromethyl)pyrrolo[1,2-a]pyrazin-1(2H)-one 'C9 H7 F3 N2 O'
DMS non-polymer 'DIMETHYL SULFOXIDE' 'C2 H6 O S'
FMT non-polymer 'FORMIC ACID' 'C H2 O2'
#
# COMPACT_ATOMS: atom_id res chain seq x y z
N ASN A 6 -33.41 -23.84 -12.67
CA ASN A 6 -32.31 -24.22 -11.79
C ASN A 6 -30.95 -23.93 -12.42
N VAL A 7 -30.35 -22.79 -12.07
CA VAL A 7 -29.05 -22.39 -12.61
C VAL A 7 -27.95 -22.99 -11.73
N MET A 8 -27.07 -23.79 -12.33
N MET A 8 -27.06 -23.75 -12.36
CA MET A 8 -26.00 -24.40 -11.55
CA MET A 8 -26.01 -24.45 -11.63
C MET A 8 -24.78 -23.51 -11.42
C MET A 8 -24.72 -23.64 -11.50
N VAL A 9 -24.41 -22.80 -12.48
CA VAL A 9 -23.18 -22.02 -12.53
C VAL A 9 -23.59 -20.57 -12.57
N GLU A 10 -23.24 -19.82 -11.53
CA GLU A 10 -23.68 -18.42 -11.44
C GLU A 10 -22.56 -17.47 -11.82
N PRO A 11 -22.87 -16.39 -12.54
CA PRO A 11 -21.87 -15.34 -12.76
C PRO A 11 -21.37 -14.76 -11.45
N HIS A 12 -20.06 -14.58 -11.39
CA HIS A 12 -19.38 -13.96 -10.27
C HIS A 12 -19.49 -12.45 -10.40
N ARG A 13 -19.13 -11.75 -9.33
CA ARG A 13 -19.04 -10.29 -9.45
C ARG A 13 -18.09 -9.90 -10.57
N HIS A 14 -17.00 -10.63 -10.75
CA HIS A 14 -16.05 -10.35 -11.80
C HIS A 14 -16.56 -10.91 -13.11
N GLU A 15 -16.68 -10.05 -14.10
CA GLU A 15 -17.14 -10.49 -15.42
C GLU A 15 -16.19 -11.53 -16.03
N GLY A 16 -16.76 -12.59 -16.60
CA GLY A 16 -15.97 -13.70 -17.10
C GLY A 16 -15.62 -14.74 -16.08
N VAL A 17 -15.97 -14.54 -14.81
CA VAL A 17 -15.71 -15.49 -13.75
C VAL A 17 -17.06 -15.98 -13.23
N PHE A 18 -17.11 -17.23 -12.78
CA PHE A 18 -18.35 -17.85 -12.33
C PHE A 18 -18.09 -18.71 -11.10
N ILE A 19 -19.19 -19.04 -10.40
CA ILE A 19 -19.17 -19.92 -9.23
C ILE A 19 -20.11 -21.09 -9.50
N CYS A 20 -19.66 -22.29 -9.17
CA CYS A 20 -20.37 -23.52 -9.52
C CYS A 20 -20.88 -24.22 -8.28
N ALA A 26 -15.31 -24.75 -7.15
CA ALA A 26 -16.05 -23.56 -6.75
C ALA A 26 -15.89 -22.49 -7.85
N LEU A 27 -14.70 -21.90 -7.98
CA LEU A 27 -14.47 -20.88 -8.99
C LEU A 27 -14.22 -21.54 -10.33
N VAL A 28 -14.88 -21.05 -11.39
CA VAL A 28 -14.69 -21.57 -12.74
C VAL A 28 -14.69 -20.44 -13.74
N THR A 29 -14.07 -20.70 -14.89
CA THR A 29 -14.16 -19.83 -16.06
C THR A 29 -14.82 -20.57 -17.22
N LYS A 30 -15.37 -19.82 -18.17
CA LYS A 30 -15.93 -20.42 -19.37
C LYS A 30 -14.81 -20.90 -20.28
N ASN A 31 -14.84 -22.19 -20.61
CA ASN A 31 -13.73 -22.81 -21.34
C ASN A 31 -13.70 -22.30 -22.77
N LEU A 32 -12.64 -21.58 -23.14
CA LEU A 32 -12.48 -21.12 -24.52
C LEU A 32 -12.29 -22.29 -25.49
N VAL A 33 -11.89 -23.46 -24.98
CA VAL A 33 -11.59 -24.64 -25.80
C VAL A 33 -12.37 -25.84 -25.23
N PRO A 34 -13.66 -25.92 -25.51
CA PRO A 34 -14.47 -26.99 -24.90
C PRO A 34 -13.90 -28.36 -25.18
N GLY A 35 -13.97 -29.21 -24.17
CA GLY A 35 -13.50 -30.57 -24.27
C GLY A 35 -12.08 -30.81 -23.79
N GLU A 36 -11.32 -29.76 -23.50
CA GLU A 36 -9.91 -29.90 -23.18
C GLU A 36 -9.60 -29.24 -21.85
N SER A 37 -8.85 -29.93 -21.00
CA SER A 37 -8.27 -29.38 -19.79
C SER A 37 -6.81 -29.04 -20.07
N VAL A 38 -6.29 -28.11 -19.29
CA VAL A 38 -4.93 -27.62 -19.43
C VAL A 38 -3.99 -28.27 -18.42
N TYR A 39 -4.43 -28.41 -17.18
CA TYR A 39 -3.58 -28.90 -16.11
C TYR A 39 -4.33 -29.93 -15.25
N GLY A 40 -5.22 -30.70 -15.88
CA GLY A 40 -5.95 -31.75 -15.20
C GLY A 40 -7.16 -31.28 -14.44
N GLU A 41 -7.54 -30.02 -14.62
CA GLU A 41 -8.63 -29.47 -13.83
C GLU A 41 -9.96 -30.09 -14.26
N LYS A 42 -10.90 -30.09 -13.34
CA LYS A 42 -12.25 -30.60 -13.65
C LYS A 42 -12.96 -29.66 -14.61
N ARG A 43 -13.76 -30.25 -15.50
CA ARG A 43 -14.63 -29.47 -16.39
C ARG A 43 -16.09 -29.85 -16.17
N VAL A 44 -16.97 -28.86 -16.33
CA VAL A 44 -18.40 -29.01 -16.13
C VAL A 44 -19.09 -28.49 -17.37
N SER A 45 -19.72 -29.38 -18.12
CA SER A 45 -20.41 -29.05 -19.35
C SER A 45 -21.92 -29.15 -19.13
N ILE A 46 -22.63 -28.08 -19.45
CA ILE A 46 -24.07 -27.99 -19.21
C ILE A 46 -24.76 -27.83 -20.55
N SER A 47 -25.68 -28.74 -20.85
CA SER A 47 -26.43 -28.74 -22.09
C SER A 47 -27.92 -28.58 -21.82
N GLU A 48 -28.57 -27.69 -22.58
CA GLU A 48 -30.02 -27.50 -22.51
C GLU A 48 -30.56 -27.25 -23.91
N GLY A 49 -31.32 -28.21 -24.44
CA GLY A 49 -31.79 -28.12 -25.80
C GLY A 49 -30.64 -28.23 -26.78
N ASP A 50 -30.48 -27.22 -27.64
CA ASP A 50 -29.35 -27.11 -28.55
C ASP A 50 -28.18 -26.32 -27.96
N ASP A 51 -28.38 -25.65 -26.82
CA ASP A 51 -27.33 -24.87 -26.19
C ASP A 51 -26.38 -25.75 -25.38
N LYS A 52 -25.16 -25.25 -25.20
CA LYS A 52 -24.13 -25.99 -24.51
C LYS A 52 -23.02 -25.04 -24.11
N ILE A 53 -22.63 -25.09 -22.83
CA ILE A 53 -21.52 -24.28 -22.33
C ILE A 53 -20.69 -25.13 -21.40
N GLU A 54 -19.37 -24.97 -21.47
CA GLU A 54 -18.47 -25.71 -20.58
C GLU A 54 -17.64 -24.73 -19.75
N TYR A 55 -17.44 -25.09 -18.48
CA TYR A 55 -16.63 -24.32 -17.54
C TYR A 55 -15.48 -25.18 -17.06
N ARG A 56 -14.39 -24.52 -16.67
CA ARG A 56 -13.19 -25.18 -16.15
C ARG A 56 -12.94 -24.71 -14.71
N ALA A 57 -12.67 -25.65 -13.82
CA ALA A 57 -12.38 -25.30 -12.44
C ALA A 57 -11.02 -24.61 -12.35
N TRP A 58 -10.95 -23.61 -11.48
CA TRP A 58 -9.81 -22.71 -11.34
C TRP A 58 -9.28 -22.89 -9.91
N ASN A 59 -8.09 -23.49 -9.78
CA ASN A 59 -7.60 -24.00 -8.51
C ASN A 59 -6.86 -22.91 -7.74
N PRO A 60 -7.38 -22.41 -6.61
CA PRO A 60 -6.66 -21.33 -5.89
C PRO A 60 -5.37 -21.79 -5.26
N PHE A 61 -5.13 -23.09 -5.14
CA PHE A 61 -3.84 -23.58 -4.63
C PHE A 61 -2.76 -23.59 -5.70
N ARG A 62 -3.14 -23.45 -6.98
CA ARG A 62 -2.16 -23.34 -8.05
C ARG A 62 -2.12 -21.98 -8.70
N SER A 63 -3.14 -21.16 -8.49
CA SER A 63 -3.28 -19.89 -9.20
C SER A 63 -3.48 -18.80 -8.18
N LYS A 64 -2.49 -17.90 -8.07
CA LYS A 64 -2.59 -16.81 -7.12
C LYS A 64 -3.79 -15.91 -7.44
N LEU A 65 -4.13 -15.76 -8.72
CA LEU A 65 -5.25 -14.88 -9.09
C LEU A 65 -6.56 -15.45 -8.56
N ALA A 66 -6.72 -16.77 -8.64
CA ALA A 66 -7.92 -17.41 -8.12
C ALA A 66 -7.97 -17.28 -6.60
N ALA A 67 -6.83 -17.47 -5.92
CA ALA A 67 -6.79 -17.20 -4.49
C ALA A 67 -7.21 -15.77 -4.17
N ALA A 68 -6.74 -14.79 -4.94
CA ALA A 68 -7.10 -13.42 -4.68
C ALA A 68 -8.60 -13.18 -4.87
N ILE A 69 -9.19 -13.78 -5.91
CA ILE A 69 -10.62 -13.63 -6.16
C ILE A 69 -11.42 -14.21 -5.01
N LEU A 70 -11.10 -15.44 -4.61
CA LEU A 70 -11.80 -16.04 -3.50
C LEU A 70 -11.59 -15.24 -2.23
N GLY A 71 -10.44 -14.61 -2.10
CA GLY A 71 -10.13 -13.79 -0.96
C GLY A 71 -10.81 -12.45 -0.93
N GLY A 72 -11.48 -12.06 -2.00
CA GLY A 72 -12.31 -10.88 -1.99
C GLY A 72 -11.72 -9.64 -2.64
N VAL A 73 -10.77 -9.81 -3.57
CA VAL A 73 -10.20 -8.64 -4.21
C VAL A 73 -11.30 -7.88 -4.94
N ASP A 74 -11.21 -6.56 -4.91
CA ASP A 74 -12.28 -5.73 -5.46
C ASP A 74 -12.24 -5.68 -6.98
N GLN A 75 -11.05 -5.59 -7.56
CA GLN A 75 -10.92 -5.50 -9.01
C GLN A 75 -9.81 -6.43 -9.49
N ILE A 76 -10.00 -6.98 -10.69
CA ILE A 76 -8.94 -7.73 -11.35
C ILE A 76 -8.58 -7.17 -12.72
N HIS A 77 -9.41 -6.33 -13.32
CA HIS A 77 -9.11 -5.61 -14.55
C HIS A 77 -8.91 -6.50 -15.77
N ILE A 78 -9.10 -7.78 -15.58
CA ILE A 78 -9.02 -8.81 -16.60
C ILE A 78 -10.47 -9.10 -16.91
N LYS A 79 -10.92 -8.68 -18.09
CA LYS A 79 -12.33 -8.74 -18.47
C LYS A 79 -12.43 -8.95 -19.97
N PRO A 80 -13.62 -9.31 -20.46
CA PRO A 80 -13.78 -9.58 -21.90
C PRO A 80 -13.29 -8.44 -22.78
N GLY A 81 -12.44 -8.80 -23.76
CA GLY A 81 -11.81 -7.85 -24.66
C GLY A 81 -10.50 -7.23 -24.16
N ALA A 82 -10.09 -7.51 -22.93
CA ALA A 82 -8.91 -6.86 -22.38
C ALA A 82 -7.64 -7.36 -23.06
N LYS A 83 -6.65 -6.49 -23.15
CA LYS A 83 -5.31 -6.82 -23.58
C LYS A 83 -4.42 -6.91 -22.35
N VAL A 84 -3.76 -8.05 -22.19
CA VAL A 84 -3.07 -8.38 -20.96
C VAL A 84 -1.62 -8.68 -21.29
N LEU A 85 -0.70 -8.11 -20.52
CA LEU A 85 0.69 -8.54 -20.50
C LEU A 85 0.88 -9.35 -19.22
N TYR A 86 1.16 -10.65 -19.38
CA TYR A 86 1.36 -11.55 -18.24
C TYR A 86 2.83 -11.92 -18.17
N LEU A 87 3.52 -11.39 -17.15
CA LEU A 87 4.94 -11.65 -16.95
C LEU A 87 5.11 -12.82 -15.99
N GLY A 88 5.84 -13.82 -16.42
CA GLY A 88 6.03 -15.03 -15.63
C GLY A 88 4.94 -16.06 -15.87
N ALA A 89 4.62 -16.29 -17.14
CA ALA A 89 3.48 -17.11 -17.52
C ALA A 89 3.71 -18.59 -17.25
N ALA A 90 4.94 -19.01 -17.03
CA ALA A 90 5.28 -20.39 -16.68
C ALA A 90 4.69 -21.31 -17.73
N SER A 91 4.02 -22.40 -17.35
CA SER A 91 3.40 -23.34 -18.28
C SER A 91 2.00 -22.93 -18.71
N GLY A 92 1.43 -21.87 -18.13
CA GLY A 92 0.19 -21.32 -18.60
C GLY A 92 -1.04 -21.65 -17.79
N THR A 93 -0.87 -22.16 -16.56
CA THR A 93 -2.00 -22.42 -15.69
C THR A 93 -2.90 -21.21 -15.52
N THR A 94 -2.39 -20.14 -14.92
CA THR A 94 -3.23 -18.96 -14.74
C THR A 94 -3.55 -18.31 -16.07
N VAL A 95 -2.57 -18.29 -17.00
CA VAL A 95 -2.83 -17.67 -18.30
C VAL A 95 -4.03 -18.29 -18.98
N SER A 96 -4.21 -19.62 -18.86
CA SER A 96 -5.33 -20.26 -19.53
C SER A 96 -6.64 -19.66 -19.06
N HIS A 97 -6.74 -19.37 -17.76
CA HIS A 97 -7.98 -18.78 -17.23
C HIS A 97 -8.13 -17.33 -17.62
N VAL A 98 -7.03 -16.56 -17.64
CA VAL A 98 -7.06 -15.21 -18.20
C VAL A 98 -7.54 -15.24 -19.64
N SER A 99 -7.04 -16.20 -20.43
CA SER A 99 -7.49 -16.39 -21.81
C SER A 99 -9.00 -16.67 -21.90
N ASP A 100 -9.51 -17.54 -21.01
CA ASP A 100 -10.96 -17.74 -20.96
C ASP A 100 -11.69 -16.41 -20.72
N ILE A 101 -11.21 -15.61 -19.76
CA ILE A 101 -11.93 -14.41 -19.37
C ILE A 101 -11.92 -13.37 -20.47
N VAL A 102 -10.74 -13.10 -21.06
CA VAL A 102 -10.73 -12.02 -22.04
C VAL A 102 -11.40 -12.44 -23.33
N GLY A 103 -11.52 -13.74 -23.58
CA GLY A 103 -12.27 -14.22 -24.72
C GLY A 103 -11.64 -13.92 -26.07
N PRO A 104 -12.37 -14.25 -27.14
CA PRO A 104 -11.76 -14.18 -28.47
C PRO A 104 -11.39 -12.79 -28.90
N ASP A 105 -12.00 -11.74 -28.37
CA ASP A 105 -11.63 -10.38 -28.74
C ASP A 105 -10.54 -9.79 -27.84
N GLY A 106 -10.12 -10.51 -26.80
CA GLY A 106 -9.01 -10.08 -25.98
C GLY A 106 -7.67 -10.60 -26.48
N LEU A 107 -6.64 -10.34 -25.70
CA LEU A 107 -5.29 -10.73 -26.11
C LEU A 107 -4.49 -10.94 -24.84
N VAL A 108 -3.74 -12.03 -24.75
CA VAL A 108 -2.86 -12.31 -23.61
C VAL A 108 -1.46 -12.55 -24.13
N TYR A 109 -0.54 -11.63 -23.83
CA TYR A 109 0.89 -11.88 -24.01
C TYR A 109 1.43 -12.66 -22.81
N ALA A 110 2.01 -13.85 -23.07
CA ALA A 110 2.47 -14.75 -22.02
C ALA A 110 4.00 -14.75 -22.09
N VAL A 111 4.62 -13.89 -21.28
CA VAL A 111 6.07 -13.75 -21.26
C VAL A 111 6.65 -14.75 -20.26
N GLU A 112 7.61 -15.54 -20.71
CA GLU A 112 8.22 -16.56 -19.86
C GLU A 112 9.64 -16.77 -20.33
N PHE A 113 10.57 -16.77 -19.37
CA PHE A 113 12.01 -16.90 -19.63
C PHE A 113 12.42 -18.35 -19.94
N SER A 114 11.87 -19.34 -19.21
CA SER A 114 12.23 -20.75 -19.39
C SER A 114 11.77 -21.30 -20.73
N HIS A 115 12.69 -21.94 -21.47
CA HIS A 115 12.30 -22.57 -22.71
C HIS A 115 11.44 -23.80 -22.47
N ARG A 116 11.71 -24.54 -21.37
CA ARG A 116 10.91 -25.70 -21.06
C ARG A 116 9.46 -25.32 -20.81
N SER A 117 9.26 -24.30 -19.98
CA SER A 117 7.92 -23.74 -19.75
C SER A 117 7.34 -23.20 -21.04
N GLY A 118 8.19 -22.55 -21.84
CA GLY A 118 7.72 -21.99 -23.08
C GLY A 118 7.11 -23.03 -24.00
N ARG A 119 7.67 -24.25 -24.02
CA ARG A 119 7.09 -25.28 -24.86
C ARG A 119 5.65 -25.58 -24.43
N ASP A 120 5.39 -25.57 -23.12
CA ASP A 120 4.03 -25.78 -22.66
C ASP A 120 3.12 -24.63 -23.11
N LEU A 121 3.62 -23.38 -23.05
CA LEU A 121 2.84 -22.22 -23.46
C LEU A 121 2.51 -22.28 -24.94
N ILE A 122 3.48 -22.73 -25.76
CA ILE A 122 3.26 -22.80 -27.19
C ILE A 122 2.19 -23.83 -27.50
N ASN A 123 2.20 -24.97 -26.79
CA ASN A 123 1.17 -25.97 -27.01
C ASN A 123 -0.19 -25.46 -26.57
N LEU A 124 -0.24 -24.76 -25.43
CA LEU A 124 -1.50 -24.15 -25.00
C LEU A 124 -2.03 -23.17 -26.04
N ALA A 125 -1.14 -22.35 -26.61
CA ALA A 125 -1.58 -21.30 -27.49
C ALA A 125 -1.95 -21.82 -28.89
N LYS A 126 -1.66 -23.09 -29.19
CA LYS A 126 -2.06 -23.62 -30.49
C LYS A 126 -3.57 -23.65 -30.61
N LYS A 127 -4.27 -23.87 -29.50
CA LYS A 127 -5.72 -23.96 -29.45
C LYS A 127 -6.39 -22.64 -29.06
N ARG A 128 -5.64 -21.71 -28.54
CA ARG A 128 -6.19 -20.47 -28.02
C ARG A 128 -5.62 -19.33 -28.85
N THR A 129 -6.44 -18.82 -29.76
N THR A 129 -6.45 -18.83 -29.76
CA THR A 129 -5.99 -17.77 -30.67
CA THR A 129 -6.01 -17.77 -30.67
C THR A 129 -5.55 -16.52 -29.92
C THR A 129 -5.51 -16.56 -29.90
N ASN A 130 -6.10 -16.26 -28.75
CA ASN A 130 -5.83 -15.01 -28.04
C ASN A 130 -4.59 -15.05 -27.16
N ILE A 131 -3.78 -16.11 -27.19
CA ILE A 131 -2.53 -16.16 -26.43
C ILE A 131 -1.36 -16.04 -27.36
N ILE A 132 -0.45 -15.10 -27.06
CA ILE A 132 0.83 -14.96 -27.74
C ILE A 132 1.95 -15.33 -26.76
N PRO A 133 2.60 -16.49 -26.92
CA PRO A 133 3.79 -16.80 -26.13
C PRO A 133 4.93 -15.89 -26.53
N VAL A 134 5.65 -15.38 -25.54
CA VAL A 134 6.81 -14.51 -25.78
C VAL A 134 7.91 -15.08 -24.90
N ILE A 135 8.79 -15.87 -25.50
CA ILE A 135 9.78 -16.63 -24.72
C ILE A 135 11.03 -15.77 -24.67
N GLU A 136 11.07 -14.90 -23.66
CA GLU A 136 12.07 -13.87 -23.52
C GLU A 136 12.26 -13.56 -22.06
N ASP A 137 13.34 -12.84 -21.79
CA ASP A 137 13.68 -12.35 -20.46
C ASP A 137 13.03 -10.98 -20.23
N ALA A 138 12.09 -10.92 -19.30
CA ALA A 138 11.35 -9.70 -19.03
C ALA A 138 12.22 -8.57 -18.48
N ARG A 139 13.47 -8.87 -18.09
CA ARG A 139 14.38 -7.83 -17.67
C ARG A 139 14.73 -6.84 -18.77
N HIS A 140 14.59 -7.24 -20.04
CA HIS A 140 15.05 -6.45 -21.19
C HIS A 140 13.90 -6.32 -22.19
N PRO A 141 12.84 -5.60 -21.83
CA PRO A 141 11.68 -5.49 -22.71
C PRO A 141 12.00 -4.80 -24.03
N HIS A 142 13.10 -4.04 -24.13
CA HIS A 142 13.40 -3.47 -25.45
C HIS A 142 13.59 -4.56 -26.51
N LYS A 143 13.93 -5.78 -26.12
CA LYS A 143 14.20 -6.83 -27.08
C LYS A 143 12.94 -7.41 -27.70
N TYR A 144 11.77 -7.23 -27.08
CA TYR A 144 10.53 -7.73 -27.63
C TYR A 144 9.47 -6.65 -27.76
N ARG A 145 9.86 -5.38 -27.61
N ARG A 145 9.84 -5.37 -27.61
CA ARG A 145 8.92 -4.28 -27.67
CA ARG A 145 8.84 -4.31 -27.64
C ARG A 145 8.15 -4.24 -28.97
C ARG A 145 8.11 -4.25 -28.99
N MET A 146 8.78 -4.65 -30.08
CA MET A 146 8.12 -4.63 -31.40
C MET A 146 6.97 -5.63 -31.52
N LEU A 147 6.87 -6.60 -30.60
CA LEU A 147 5.80 -7.60 -30.58
C LEU A 147 4.60 -7.23 -29.74
N ILE A 148 4.68 -6.22 -28.86
CA ILE A 148 3.71 -6.03 -27.81
C ILE A 148 2.91 -4.78 -28.10
N ALA A 149 1.65 -4.96 -28.47
CA ALA A 149 0.73 -3.83 -28.54
C ALA A 149 0.41 -3.32 -27.14
N MET A 150 0.17 -2.00 -27.02
N MET A 150 0.17 -2.00 -27.02
CA MET A 150 -0.07 -1.42 -25.70
CA MET A 150 -0.19 -1.39 -25.74
C MET A 150 -1.23 -2.14 -25.01
C MET A 150 -1.24 -2.22 -25.02
N VAL A 151 -1.01 -2.51 -23.75
CA VAL A 151 -1.94 -3.34 -23.00
C VAL A 151 -2.71 -2.51 -21.99
N ASP A 152 -3.81 -3.11 -21.53
CA ASP A 152 -4.72 -2.55 -20.54
C ASP A 152 -4.30 -2.88 -19.11
N VAL A 153 -3.69 -4.05 -18.91
CA VAL A 153 -3.36 -4.52 -17.55
C VAL A 153 -2.08 -5.37 -17.64
N ILE A 154 -1.23 -5.27 -16.63
CA ILE A 154 -0.08 -6.16 -16.48
C ILE A 154 -0.34 -7.01 -15.25
N PHE A 155 -0.15 -8.33 -15.39
CA PHE A 155 -0.10 -9.26 -14.28
C PHE A 155 1.33 -9.75 -14.13
N ALA A 156 1.78 -9.87 -12.88
CA ALA A 156 3.13 -10.37 -12.68
C ALA A 156 3.20 -11.13 -11.38
N ASP A 157 4.03 -12.17 -11.37
CA ASP A 157 4.44 -12.90 -10.18
C ASP A 157 5.84 -12.44 -9.78
N VAL A 158 5.96 -11.65 -8.69
CA VAL A 158 7.26 -11.11 -8.23
C VAL A 158 7.84 -11.95 -7.09
N ALA A 159 9.12 -12.29 -7.21
CA ALA A 159 9.79 -13.15 -6.24
C ALA A 159 11.23 -12.77 -5.95
N GLN A 160 11.76 -11.69 -6.51
CA GLN A 160 13.11 -11.24 -6.20
C GLN A 160 13.09 -9.74 -5.98
N PRO A 161 14.11 -9.19 -5.29
CA PRO A 161 14.04 -7.77 -4.94
C PRO A 161 14.27 -6.86 -6.12
N ASP A 162 14.44 -7.41 -7.32
CA ASP A 162 14.60 -6.60 -8.51
C ASP A 162 13.40 -6.71 -9.45
N GLN A 163 12.40 -7.51 -9.13
CA GLN A 163 11.35 -7.78 -10.09
C GLN A 163 10.18 -6.79 -10.10
N THR A 164 9.84 -6.15 -8.99
CA THR A 164 8.94 -5.01 -9.11
C THR A 164 9.50 -4.00 -10.11
N ARG A 165 10.83 -3.80 -10.09
CA ARG A 165 11.42 -2.86 -11.04
C ARG A 165 11.32 -3.39 -12.46
N ILE A 166 11.45 -4.70 -12.64
CA ILE A 166 11.26 -5.30 -13.98
C ILE A 166 9.82 -5.08 -14.45
N VAL A 167 8.85 -5.32 -13.57
CA VAL A 167 7.45 -5.08 -13.92
C VAL A 167 7.25 -3.62 -14.32
N ALA A 168 7.86 -2.70 -13.55
CA ALA A 168 7.72 -1.29 -13.85
C ALA A 168 8.34 -0.93 -15.19
N LEU A 169 9.50 -1.48 -15.52
CA LEU A 169 10.12 -1.21 -16.82
C LEU A 169 9.23 -1.70 -17.96
N ASN A 170 8.59 -2.86 -17.79
CA ASN A 170 7.59 -3.30 -18.76
C ASN A 170 6.40 -2.34 -18.81
N ALA A 171 5.92 -1.89 -17.66
CA ALA A 171 4.80 -0.96 -17.65
C ALA A 171 5.13 0.34 -18.39
N HIS A 172 6.34 0.86 -18.19
CA HIS A 172 6.69 2.12 -18.82
C HIS A 172 6.73 1.97 -20.33
N THR A 173 6.97 0.75 -20.81
CA THR A 173 7.04 0.48 -22.24
C THR A 173 5.69 0.14 -22.82
N PHE A 174 4.83 -0.59 -22.06
CA PHE A 174 3.68 -1.28 -22.60
C PHE A 174 2.33 -0.95 -21.99
N LEU A 175 2.25 -0.39 -20.79
CA LEU A 175 0.99 -0.26 -20.09
C LEU A 175 0.39 1.13 -20.37
N ARG A 176 -0.87 1.16 -20.80
N ARG A 176 -0.87 1.16 -20.80
CA ARG A 176 -1.50 2.43 -21.14
CA ARG A 176 -1.48 2.43 -21.13
C ARG A 176 -1.59 3.32 -19.91
C ARG A 176 -1.58 3.32 -19.90
N ASN A 177 -1.59 4.63 -20.15
CA ASN A 177 -1.88 5.59 -19.09
C ASN A 177 -3.24 5.27 -18.48
N GLY A 178 -3.28 5.09 -17.15
CA GLY A 178 -4.53 4.72 -16.52
C GLY A 178 -4.87 3.26 -16.62
N GLY A 179 -4.00 2.46 -17.24
CA GLY A 179 -4.11 1.02 -17.16
C GLY A 179 -3.79 0.54 -15.76
N HIS A 180 -3.87 -0.77 -15.55
CA HIS A 180 -3.79 -1.31 -14.19
C HIS A 180 -2.76 -2.41 -14.09
N PHE A 181 -2.40 -2.72 -12.83
CA PHE A 181 -1.49 -3.82 -12.58
C PHE A 181 -2.02 -4.69 -11.44
N VAL A 182 -1.70 -5.99 -11.51
CA VAL A 182 -2.04 -6.99 -10.53
C VAL A 182 -0.75 -7.77 -10.30
N ILE A 183 -0.15 -7.62 -9.11
CA ILE A 183 1.18 -8.11 -8.86
C ILE A 183 1.12 -9.03 -7.66
N SER A 184 1.58 -10.26 -7.84
CA SER A 184 1.67 -11.16 -6.69
C SER A 184 3.09 -11.11 -6.13
N ILE A 185 3.19 -11.09 -4.79
CA ILE A 185 4.46 -10.88 -4.08
C ILE A 185 4.67 -12.04 -3.11
N LYS A 186 5.70 -12.87 -3.36
CA LYS A 186 6.08 -13.94 -2.44
C LYS A 186 7.16 -13.37 -1.50
N ALA A 187 6.77 -13.02 -0.28
CA ALA A 187 7.66 -12.21 0.55
C ALA A 187 8.95 -12.98 0.85
N ASN A 188 8.81 -14.29 1.06
CA ASN A 188 9.93 -15.17 1.41
C ASN A 188 11.00 -15.14 0.33
N CYS A 189 10.57 -14.95 -0.92
CA CYS A 189 11.50 -14.95 -2.04
C CYS A 189 12.11 -13.58 -2.27
N ILE A 190 11.48 -12.52 -1.77
CA ILE A 190 12.09 -11.21 -1.91
C ILE A 190 13.18 -11.00 -0.87
N ASP A 191 12.85 -11.26 0.41
CA ASP A 191 13.86 -11.12 1.47
C ASP A 191 13.42 -12.01 2.62
N SER A 192 14.02 -13.19 2.72
CA SER A 192 13.65 -14.10 3.78
C SER A 192 14.09 -13.61 5.15
N THR A 193 14.95 -12.59 5.25
CA THR A 193 15.35 -12.09 6.57
C THR A 193 14.47 -10.95 7.04
N ALA A 194 13.52 -10.53 6.22
CA ALA A 194 12.61 -9.44 6.56
C ALA A 194 11.25 -10.03 6.95
N SER A 195 10.49 -9.26 7.74
CA SER A 195 9.11 -9.68 7.98
C SER A 195 8.31 -9.50 6.70
N ALA A 196 7.24 -10.27 6.58
CA ALA A 196 6.39 -10.17 5.41
C ALA A 196 5.86 -8.74 5.28
N GLU A 197 5.56 -8.09 6.42
CA GLU A 197 5.07 -6.71 6.35
C GLU A 197 6.13 -5.75 5.84
N ALA A 198 7.38 -5.93 6.27
CA ALA A 198 8.46 -5.10 5.76
C ALA A 198 8.62 -5.27 4.27
N VAL A 199 8.51 -6.53 3.81
CA VAL A 199 8.64 -6.77 2.38
C VAL A 199 7.49 -6.13 1.61
N PHE A 200 6.26 -6.34 2.05
CA PHE A 200 5.13 -5.80 1.28
C PHE A 200 5.15 -4.28 1.28
N ALA A 201 5.51 -3.66 2.42
CA ALA A 201 5.62 -2.19 2.43
C ALA A 201 6.70 -1.71 1.49
N SER A 202 7.86 -2.37 1.48
CA SER A 202 8.95 -1.94 0.63
C SER A 202 8.62 -2.09 -0.85
N GLU A 203 7.89 -3.17 -1.21
CA GLU A 203 7.51 -3.37 -2.60
C GLU A 203 6.45 -2.35 -3.04
N VAL A 204 5.48 -2.07 -2.17
CA VAL A 204 4.52 -1.02 -2.48
C VAL A 204 5.25 0.30 -2.73
N LYS A 205 6.26 0.60 -1.91
CA LYS A 205 7.05 1.82 -2.09
C LYS A 205 7.74 1.84 -3.44
N LYS A 206 8.29 0.70 -3.85
CA LYS A 206 8.94 0.62 -5.16
C LYS A 206 7.94 0.88 -6.28
N MET A 207 6.73 0.34 -6.14
CA MET A 207 5.68 0.62 -7.12
C MET A 207 5.38 2.10 -7.19
N GLN A 208 5.22 2.73 -6.01
N GLN A 208 5.20 2.73 -6.01
CA GLN A 208 4.86 4.14 -5.98
CA GLN A 208 4.85 4.15 -6.02
C GLN A 208 5.92 4.98 -6.66
C GLN A 208 5.93 4.99 -6.66
N GLN A 209 7.20 4.61 -6.48
CA GLN A 209 8.30 5.37 -7.09
C GLN A 209 8.19 5.36 -8.60
N GLU A 210 7.59 4.32 -9.15
CA GLU A 210 7.40 4.17 -10.58
C GLU A 210 6.03 4.63 -11.06
N ASN A 211 5.28 5.37 -10.22
CA ASN A 211 3.95 5.85 -10.53
C ASN A 211 2.96 4.72 -10.78
N MET A 212 3.24 3.57 -10.16
CA MET A 212 2.31 2.45 -10.09
C MET A 212 1.63 2.54 -8.74
N LYS A 213 0.40 3.06 -8.71
CA LYS A 213 -0.24 3.45 -7.45
C LYS A 213 -1.16 2.35 -6.96
N PRO A 214 -0.83 1.66 -5.87
CA PRO A 214 -1.75 0.66 -5.32
C PRO A 214 -3.09 1.22 -4.96
N GLN A 215 -4.11 0.45 -5.30
CA GLN A 215 -5.47 0.74 -4.91
C GLN A 215 -6.02 -0.24 -3.89
N GLU A 216 -5.50 -1.47 -3.83
CA GLU A 216 -5.86 -2.42 -2.80
C GLU A 216 -4.78 -3.49 -2.72
N GLN A 217 -4.76 -4.18 -1.60
CA GLN A 217 -3.84 -5.29 -1.42
C GLN A 217 -4.48 -6.27 -0.45
N LEU A 218 -4.14 -7.55 -0.64
CA LEU A 218 -4.60 -8.59 0.28
C LEU A 218 -3.57 -9.72 0.32
N THR A 219 -3.63 -10.48 1.40
CA THR A 219 -2.85 -11.71 1.49
C THR A 219 -3.74 -12.89 1.10
N LEU A 220 -3.10 -14.04 0.94
CA LEU A 220 -3.73 -15.15 0.25
C LEU A 220 -3.96 -16.38 1.15
N GLU A 221 -3.98 -16.21 2.46
CA GLU A 221 -4.34 -17.36 3.28
C GLU A 221 -5.80 -17.72 3.01
N PRO A 222 -6.14 -19.01 3.02
CA PRO A 222 -5.39 -20.20 3.41
C PRO A 222 -4.59 -20.89 2.30
N TYR A 223 -4.54 -20.27 1.12
CA TYR A 223 -3.95 -20.92 -0.05
C TYR A 223 -2.44 -20.79 -0.09
N GLU A 224 -1.89 -19.68 0.42
CA GLU A 224 -0.48 -19.40 0.39
C GLU A 224 -0.07 -18.72 1.69
N ARG A 225 1.20 -18.90 2.07
CA ARG A 225 1.73 -18.23 3.24
C ARG A 225 2.55 -17.02 2.81
N ASP A 226 2.34 -15.92 3.53
CA ASP A 226 3.09 -14.68 3.33
C ASP A 226 3.20 -14.35 1.84
N HIS A 227 2.05 -14.30 1.19
CA HIS A 227 1.93 -13.98 -0.23
C HIS A 227 0.84 -12.94 -0.37
N ALA A 228 1.16 -11.79 -0.98
CA ALA A 228 0.20 -10.71 -1.20
C ALA A 228 -0.09 -10.52 -2.68
N VAL A 229 -1.28 -9.99 -2.96
CA VAL A 229 -1.61 -9.49 -4.29
C VAL A 229 -1.94 -8.01 -4.16
N VAL A 230 -1.27 -7.19 -4.96
CA VAL A 230 -1.45 -5.74 -4.98
C VAL A 230 -2.05 -5.38 -6.32
N VAL A 231 -3.16 -4.62 -6.30
CA VAL A 231 -3.82 -4.15 -7.51
C VAL A 231 -3.75 -2.64 -7.51
N GLY A 232 -3.44 -2.06 -8.66
CA GLY A 232 -3.42 -0.61 -8.71
C GLY A 232 -3.44 -0.05 -10.11
N VAL A 233 -3.12 1.22 -10.19
CA VAL A 233 -3.32 2.00 -11.42
C VAL A 233 -2.03 2.72 -11.77
N TYR A 234 -1.74 2.81 -13.07
CA TYR A 234 -0.52 3.39 -13.59
C TYR A 234 -0.80 4.81 -14.06
N ARG A 235 -0.08 5.78 -13.49
CA ARG A 235 -0.27 7.21 -13.75
C ARG A 235 1.07 7.85 -14.08
N PRO A 236 1.61 7.59 -15.25
CA PRO A 236 2.90 8.17 -15.61
C PRO A 236 2.74 9.68 -15.82
N PRO A 237 3.80 10.44 -15.58
CA PRO A 237 3.76 11.87 -15.86
C PRO A 237 3.83 12.12 -17.35
N PRO A 238 3.47 13.34 -17.81
CA PRO A 238 3.55 13.72 -19.23
C PRO A 238 4.89 13.39 -19.88
N ASN B 6 30.47 29.23 18.71
CA ASN B 6 29.08 29.69 18.85
C ASN B 6 28.12 28.73 18.15
N VAL B 7 27.31 28.02 18.94
CA VAL B 7 26.36 27.05 18.40
C VAL B 7 25.05 27.79 18.07
N MET B 8 24.68 27.80 16.78
N MET B 8 24.67 27.75 16.79
CA MET B 8 23.45 28.45 16.37
CA MET B 8 23.48 28.44 16.32
C MET B 8 22.24 27.55 16.60
C MET B 8 22.22 27.58 16.45
N VAL B 9 22.35 26.27 16.24
CA VAL B 9 21.24 25.32 16.33
C VAL B 9 21.62 24.32 17.41
N GLU B 10 20.82 24.26 18.47
CA GLU B 10 21.21 23.36 19.55
C GLU B 10 20.16 22.27 19.76
N PRO B 11 20.59 21.10 20.24
CA PRO B 11 19.65 20.01 20.46
C PRO B 11 18.59 20.39 21.48
N HIS B 12 17.35 20.02 21.15
CA HIS B 12 16.22 20.14 22.05
C HIS B 12 16.28 19.02 23.08
N ARG B 13 15.48 19.15 24.13
CA ARG B 13 15.33 18.04 25.06
C ARG B 13 14.89 16.77 24.34
N HIS B 14 14.01 16.90 23.35
CA HIS B 14 13.54 15.76 22.57
C HIS B 14 14.56 15.42 21.50
N GLU B 15 15.05 14.19 21.52
CA GLU B 15 16.03 13.74 20.54
C GLU B 15 15.47 13.87 19.14
N GLY B 16 16.30 14.39 18.22
CA GLY B 16 15.91 14.62 16.85
C GLY B 16 15.23 15.94 16.62
N VAL B 17 15.00 16.71 17.68
CA VAL B 17 14.45 18.05 17.55
C VAL B 17 15.51 19.05 17.97
N PHE B 18 15.50 20.22 17.34
CA PHE B 18 16.50 21.24 17.61
C PHE B 18 15.81 22.60 17.72
N ILE B 19 16.48 23.52 18.38
CA ILE B 19 15.98 24.88 18.60
C ILE B 19 17.04 25.87 18.11
N CYS B 20 16.60 26.88 17.36
CA CYS B 20 17.50 27.67 16.53
C CYS B 20 17.45 29.13 16.91
N ALA B 26 12.04 29.08 15.30
CA ALA B 26 12.36 28.53 16.61
C ALA B 26 12.69 27.03 16.49
N LEU B 27 11.69 26.20 16.22
CA LEU B 27 11.86 24.75 16.18
C LEU B 27 12.32 24.31 14.81
N VAL B 28 13.31 23.41 14.76
CA VAL B 28 13.74 22.83 13.50
C VAL B 28 14.03 21.34 13.66
N THR B 29 13.97 20.62 12.54
CA THR B 29 14.46 19.24 12.46
C THR B 29 15.59 19.13 11.44
N LYS B 30 16.44 18.11 11.62
CA LYS B 30 17.49 17.82 10.64
C LYS B 30 16.89 17.27 9.35
N ASN B 31 17.18 17.93 8.22
CA ASN B 31 16.52 17.62 6.97
C ASN B 31 17.02 16.29 6.43
N LEU B 32 16.14 15.29 6.39
CA LEU B 32 16.47 14.00 5.80
C LEU B 32 16.82 14.11 4.32
N VAL B 33 16.29 15.12 3.64
CA VAL B 33 16.53 15.35 2.22
C VAL B 33 17.17 16.73 2.07
N PRO B 34 18.46 16.86 2.35
CA PRO B 34 19.12 18.17 2.25
C PRO B 34 18.86 18.83 0.90
N GLY B 35 18.50 20.10 0.93
CA GLY B 35 18.23 20.87 -0.25
C GLY B 35 16.76 21.05 -0.58
N GLU B 36 15.89 20.27 0.05
CA GLU B 36 14.48 20.20 -0.32
C GLU B 36 13.63 20.74 0.83
N SER B 37 12.71 21.64 0.50
CA SER B 37 11.62 22.02 1.38
C SER B 37 10.37 21.25 0.98
N VAL B 38 9.44 21.16 1.92
CA VAL B 38 8.23 20.36 1.76
C VAL B 38 7.00 21.24 1.59
N TYR B 39 6.88 22.29 2.40
CA TYR B 39 5.70 23.15 2.41
C TYR B 39 6.07 24.63 2.40
N GLY B 40 7.19 24.98 1.77
CA GLY B 40 7.63 26.37 1.72
C GLY B 40 8.42 26.83 2.93
N GLU B 41 8.73 25.93 3.86
CA GLU B 41 9.40 26.31 5.09
C GLU B 41 10.85 26.73 4.83
N LYS B 42 11.37 27.57 5.70
CA LYS B 42 12.78 27.97 5.62
C LYS B 42 13.70 26.80 5.91
N ARG B 43 14.86 26.80 5.27
CA ARG B 43 15.92 25.86 5.60
C ARG B 43 17.16 26.63 6.04
N VAL B 44 17.90 26.03 6.98
CA VAL B 44 19.06 26.63 7.60
C VAL B 44 20.19 25.63 7.49
N SER B 45 21.20 25.95 6.68
CA SER B 45 22.38 25.12 6.53
C SER B 45 23.56 25.77 7.26
N ILE B 46 24.28 24.95 8.02
CA ILE B 46 25.41 25.37 8.84
C ILE B 46 26.61 24.55 8.36
N SER B 47 27.61 25.23 7.77
CA SER B 47 28.79 24.60 7.24
C SER B 47 30.02 25.02 8.06
N GLU B 48 30.90 24.06 8.33
CA GLU B 48 32.11 24.33 9.11
C GLU B 48 33.21 23.41 8.58
N GLY B 49 34.16 23.97 7.85
CA GLY B 49 35.15 23.16 7.17
C GLY B 49 34.50 22.33 6.08
N ASP B 50 34.65 21.00 6.15
CA ASP B 50 33.97 20.09 5.23
C ASP B 50 32.62 19.64 5.74
N ASP B 51 32.32 19.87 7.01
CA ASP B 51 31.04 19.47 7.59
C ASP B 51 29.91 20.38 7.12
N LYS B 52 28.74 19.80 6.89
CA LYS B 52 27.54 20.54 6.50
C LYS B 52 26.34 19.80 7.07
N ILE B 53 25.42 20.54 7.68
CA ILE B 53 24.17 20.00 8.21
C ILE B 53 23.06 21.02 7.91
N GLU B 54 21.93 20.54 7.39
CA GLU B 54 20.80 21.41 7.09
C GLU B 54 19.62 21.05 7.99
N TYR B 55 18.92 22.08 8.44
CA TYR B 55 17.72 21.93 9.25
C TYR B 55 16.55 22.61 8.54
N ARG B 56 15.34 22.18 8.91
CA ARG B 56 14.11 22.70 8.33
C ARG B 56 13.24 23.29 9.43
N ALA B 57 12.71 24.48 9.18
CA ALA B 57 11.84 25.14 10.14
C ALA B 57 10.54 24.35 10.29
N TRP B 58 10.08 24.25 11.53
CA TRP B 58 8.89 23.48 11.90
C TRP B 58 7.87 24.47 12.43
N ASN B 59 6.81 24.71 11.66
CA ASN B 59 5.89 25.81 11.94
C ASN B 59 4.77 25.35 12.87
N PRO B 60 4.71 25.85 14.11
CA PRO B 60 3.66 25.37 15.04
C PRO B 60 2.27 25.84 14.70
N PHE B 61 2.11 26.76 13.75
CA PHE B 61 0.79 27.16 13.28
C PHE B 61 0.26 26.21 12.21
N ARG B 62 1.11 25.35 11.69
CA ARG B 62 0.70 24.35 10.73
C ARG B 62 0.85 22.93 11.25
N SER B 63 1.48 22.72 12.41
CA SER B 63 1.81 21.38 12.89
C SER B 63 1.52 21.32 14.38
N LYS B 64 0.48 20.57 14.75
CA LYS B 64 0.07 20.46 16.14
C LYS B 64 1.20 19.89 17.00
N LEU B 65 2.00 18.98 16.45
CA LEU B 65 3.10 18.40 17.22
C LEU B 65 4.14 19.47 17.58
N ALA B 66 4.45 20.36 16.63
CA ALA B 66 5.36 21.46 16.95
C ALA B 66 4.78 22.40 18.00
N ALA B 67 3.49 22.70 17.90
CA ALA B 67 2.81 23.48 18.95
C ALA B 67 2.90 22.78 20.30
N ALA B 68 2.67 21.47 20.36
CA ALA B 68 2.79 20.78 21.63
C ALA B 68 4.21 20.85 22.19
N ILE B 69 5.21 20.77 21.30
CA ILE B 69 6.59 20.78 21.76
C ILE B 69 6.94 22.16 22.31
N LEU B 70 6.51 23.22 21.61
CA LEU B 70 6.77 24.56 22.11
C LEU B 70 5.97 24.85 23.38
N GLY B 71 4.81 24.22 23.51
CA GLY B 71 4.01 24.27 24.72
C GLY B 71 4.54 23.46 25.89
N GLY B 72 5.64 22.73 25.71
CA GLY B 72 6.30 22.05 26.81
C GLY B 72 5.92 20.61 27.07
N VAL B 73 5.39 19.90 26.08
CA VAL B 73 5.01 18.51 26.31
C VAL B 73 6.22 17.74 26.81
N ASP B 74 5.99 16.80 27.73
CA ASP B 74 7.08 16.10 28.37
C ASP B 74 7.71 15.05 27.46
N GLN B 75 6.88 14.21 26.85
CA GLN B 75 7.34 13.14 25.95
C GLN B 75 6.59 13.22 24.63
N ILE B 76 7.30 12.91 23.54
CA ILE B 76 6.66 12.71 22.24
C ILE B 76 6.88 11.31 21.67
N HIS B 77 7.88 10.56 22.17
CA HIS B 77 8.08 9.14 21.86
C HIS B 77 8.50 8.90 20.42
N ILE B 78 8.33 9.91 19.58
CA ILE B 78 8.88 9.92 18.23
C ILE B 78 10.36 10.26 18.38
N LYS B 79 11.22 9.28 18.09
CA LYS B 79 12.65 9.30 18.38
C LYS B 79 13.42 8.64 17.24
N PRO B 80 14.71 8.91 17.13
CA PRO B 80 15.54 8.19 16.16
C PRO B 80 15.40 6.68 16.25
N GLY B 81 15.12 6.05 15.11
CA GLY B 81 14.89 4.63 15.04
C GLY B 81 13.49 4.17 15.40
N ALA B 82 12.60 5.07 15.80
CA ALA B 82 11.25 4.67 16.16
C ALA B 82 10.43 4.29 14.92
N LYS B 83 9.52 3.33 15.09
CA LYS B 83 8.51 2.96 14.11
C LYS B 83 7.18 3.60 14.52
N VAL B 84 6.62 4.42 13.63
CA VAL B 84 5.51 5.31 13.93
C VAL B 84 4.37 5.03 12.96
N LEU B 85 3.17 4.82 13.49
CA LEU B 85 1.96 4.75 12.67
C LEU B 85 1.28 6.11 12.84
N TYR B 86 1.12 6.81 11.72
CA TYR B 86 0.59 8.17 11.72
C TYR B 86 -0.75 8.15 11.00
N LEU B 87 -1.83 8.32 11.77
CA LEU B 87 -3.18 8.28 11.23
C LEU B 87 -3.64 9.71 11.00
N GLY B 88 -4.00 10.01 9.76
CA GLY B 88 -4.39 11.35 9.35
C GLY B 88 -3.22 12.18 8.85
N ALA B 89 -2.41 11.59 7.97
CA ALA B 89 -1.16 12.20 7.53
C ALA B 89 -1.37 13.36 6.57
N ALA B 90 -2.57 13.50 6.03
CA ALA B 90 -2.91 14.63 5.14
C ALA B 90 -1.83 14.71 4.08
N SER B 91 -1.23 15.87 3.85
CA SER B 91 -0.28 16.05 2.77
C SER B 91 1.16 15.72 3.17
N GLY B 92 1.43 15.55 4.45
CA GLY B 92 2.75 15.20 4.92
C GLY B 92 3.49 16.27 5.67
N THR B 93 2.85 17.40 5.99
CA THR B 93 3.55 18.47 6.68
C THR B 93 4.18 17.98 7.98
N THR B 94 3.35 17.53 8.93
CA THR B 94 3.92 17.00 10.15
C THR B 94 4.70 15.70 9.90
N VAL B 95 4.19 14.81 9.04
CA VAL B 95 4.89 13.56 8.78
C VAL B 95 6.33 13.83 8.32
N SER B 96 6.55 14.88 7.51
CA SER B 96 7.93 15.11 7.05
C SER B 96 8.86 15.33 8.23
N HIS B 97 8.40 16.07 9.24
CA HIS B 97 9.22 16.28 10.41
C HIS B 97 9.37 15.02 11.24
N VAL B 98 8.30 14.21 11.35
CA VAL B 98 8.43 12.92 12.01
C VAL B 98 9.48 12.06 11.30
N SER B 99 9.48 12.10 9.98
CA SER B 99 10.45 11.37 9.17
C SER B 99 11.87 11.86 9.45
N ASP B 100 12.06 13.18 9.54
CA ASP B 100 13.37 13.71 9.93
C ASP B 100 13.82 13.13 11.26
N ILE B 101 12.91 13.10 12.25
CA ILE B 101 13.29 12.74 13.60
C ILE B 101 13.66 11.26 13.68
N VAL B 102 12.84 10.38 13.10
CA VAL B 102 13.13 8.96 13.28
C VAL B 102 14.33 8.56 12.43
N GLY B 103 14.57 9.27 11.35
CA GLY B 103 15.78 9.08 10.57
C GLY B 103 15.78 7.81 9.76
N PRO B 104 16.93 7.49 9.14
CA PRO B 104 16.95 6.37 8.19
C PRO B 104 16.63 5.01 8.78
N ASP B 105 16.89 4.81 10.07
CA ASP B 105 16.60 3.53 10.70
C ASP B 105 15.19 3.45 11.27
N GLY B 106 14.44 4.54 11.26
CA GLY B 106 13.06 4.52 11.70
C GLY B 106 12.11 4.35 10.53
N LEU B 107 10.82 4.46 10.84
CA LEU B 107 9.78 4.15 9.86
C LEU B 107 8.57 4.99 10.22
N VAL B 108 7.91 5.56 9.21
CA VAL B 108 6.66 6.29 9.40
C VAL B 108 5.66 5.73 8.41
N TYR B 109 4.63 5.05 8.92
CA TYR B 109 3.51 4.66 8.06
C TYR B 109 2.54 5.82 8.07
N ALA B 110 2.25 6.38 6.88
CA ALA B 110 1.50 7.62 6.78
C ALA B 110 0.14 7.28 6.16
N VAL B 111 -0.88 7.18 7.00
CA VAL B 111 -2.20 6.71 6.58
C VAL B 111 -3.05 7.94 6.35
N GLU B 112 -3.62 8.04 5.15
CA GLU B 112 -4.48 9.18 4.80
C GLU B 112 -5.59 8.70 3.91
N PHE B 113 -6.81 9.15 4.22
CA PHE B 113 -8.03 8.72 3.51
C PHE B 113 -8.18 9.48 2.20
N SER B 114 -7.84 10.76 2.19
CA SER B 114 -8.14 11.64 1.06
C SER B 114 -7.16 11.42 -0.07
N HIS B 115 -7.70 11.24 -1.29
CA HIS B 115 -6.80 11.08 -2.44
C HIS B 115 -6.13 12.39 -2.82
N ARG B 116 -6.80 13.53 -2.61
CA ARG B 116 -6.16 14.82 -2.88
C ARG B 116 -4.92 14.99 -2.02
N SER B 117 -5.07 14.87 -0.70
CA SER B 117 -3.92 14.92 0.19
C SER B 117 -2.96 13.79 -0.11
N GLY B 118 -3.48 12.60 -0.37
CA GLY B 118 -2.62 11.44 -0.54
C GLY B 118 -1.67 11.60 -1.71
N ARG B 119 -2.13 12.30 -2.76
CA ARG B 119 -1.27 12.63 -3.88
C ARG B 119 0.00 13.32 -3.40
N ASP B 120 -0.16 14.38 -2.59
CA ASP B 120 0.99 15.08 -2.02
C ASP B 120 1.82 14.16 -1.14
N LEU B 121 1.16 13.32 -0.34
CA LEU B 121 1.88 12.46 0.58
C LEU B 121 2.77 11.45 -0.15
N ILE B 122 2.24 10.83 -1.23
CA ILE B 122 3.04 9.87 -1.98
C ILE B 122 4.25 10.54 -2.61
N ASN B 123 4.05 11.74 -3.16
CA ASN B 123 5.18 12.46 -3.75
C ASN B 123 6.22 12.80 -2.69
N LEU B 124 5.78 13.24 -1.51
CA LEU B 124 6.71 13.41 -0.40
C LEU B 124 7.47 12.11 -0.12
N ALA B 125 6.75 10.99 -0.09
CA ALA B 125 7.40 9.75 0.31
C ALA B 125 8.41 9.25 -0.72
N LYS B 126 8.27 9.66 -1.98
CA LYS B 126 9.25 9.30 -2.99
C LYS B 126 10.66 9.70 -2.61
N LYS B 127 10.79 10.78 -1.86
CA LYS B 127 12.08 11.34 -1.51
C LYS B 127 12.62 10.79 -0.21
N ARG B 128 11.80 10.08 0.55
CA ARG B 128 12.13 9.74 1.92
C ARG B 128 11.91 8.25 2.10
N THR B 129 12.99 7.49 2.21
CA THR B 129 12.88 6.04 2.20
C THR B 129 12.07 5.54 3.39
N ASN B 130 12.08 6.27 4.51
CA ASN B 130 11.45 5.78 5.72
C ASN B 130 9.96 6.11 5.82
N ILE B 131 9.33 6.67 4.80
CA ILE B 131 7.88 6.91 4.81
C ILE B 131 7.17 5.88 3.92
N ILE B 132 6.20 5.17 4.47
CA ILE B 132 5.32 4.29 3.73
C ILE B 132 3.95 4.97 3.63
N PRO B 133 3.57 5.49 2.45
CA PRO B 133 2.26 6.10 2.30
C PRO B 133 1.21 5.01 2.17
N VAL B 134 0.11 5.17 2.91
CA VAL B 134 -0.98 4.21 2.92
C VAL B 134 -2.26 5.00 2.71
N ILE B 135 -2.79 4.96 1.49
CA ILE B 135 -3.95 5.79 1.12
C ILE B 135 -5.18 4.89 1.30
N GLU B 136 -5.67 4.85 2.52
CA GLU B 136 -6.76 3.97 2.92
C GLU B 136 -7.53 4.61 4.07
N ASP B 137 -8.67 3.99 4.36
CA ASP B 137 -9.56 4.38 5.47
C ASP B 137 -9.15 3.66 6.75
N ALA B 138 -8.71 4.43 7.74
CA ALA B 138 -8.26 3.88 9.02
C ALA B 138 -9.34 3.13 9.80
N ARG B 139 -10.61 3.29 9.44
CA ARG B 139 -11.65 2.46 10.03
C ARG B 139 -11.51 0.99 9.68
N HIS B 140 -10.79 0.67 8.60
CA HIS B 140 -10.72 -0.70 8.07
C HIS B 140 -9.26 -1.17 8.01
N PRO B 141 -8.63 -1.36 9.16
CA PRO B 141 -7.20 -1.70 9.13
C PRO B 141 -6.93 -3.04 8.48
N HIS B 142 -7.94 -3.89 8.31
CA HIS B 142 -7.70 -5.14 7.58
C HIS B 142 -7.28 -4.88 6.13
N LYS B 143 -7.62 -3.72 5.59
CA LYS B 143 -7.27 -3.42 4.22
C LYS B 143 -5.78 -3.15 4.04
N TYR B 144 -5.04 -2.82 5.13
CA TYR B 144 -3.63 -2.50 5.02
C TYR B 144 -2.77 -3.14 6.11
N ARG B 145 -3.31 -4.05 6.91
CA ARG B 145 -2.53 -4.61 7.98
C ARG B 145 -1.32 -5.41 7.51
N MET B 146 -1.35 -5.95 6.29
CA MET B 146 -0.20 -6.67 5.77
C MET B 146 0.98 -5.77 5.44
N LEU B 147 0.79 -4.45 5.42
CA LEU B 147 1.90 -3.55 5.20
C LEU B 147 2.58 -3.07 6.48
N ILE B 148 1.94 -3.22 7.63
CA ILE B 148 2.36 -2.51 8.85
C ILE B 148 2.85 -3.51 9.87
N ALA B 149 4.17 -3.50 10.06
CA ALA B 149 4.81 -4.20 11.15
C ALA B 149 4.49 -3.50 12.47
N MET B 150 4.52 -4.27 13.55
N MET B 150 4.54 -4.27 13.56
CA MET B 150 4.21 -3.69 14.86
CA MET B 150 4.30 -3.71 14.88
C MET B 150 5.06 -2.44 15.09
C MET B 150 5.08 -2.42 15.09
N VAL B 151 4.42 -1.40 15.61
CA VAL B 151 5.02 -0.10 15.77
C VAL B 151 5.25 0.23 17.24
N ASP B 152 6.05 1.26 17.46
CA ASP B 152 6.36 1.77 18.79
C ASP B 152 5.42 2.88 19.24
N VAL B 153 4.86 3.62 18.30
CA VAL B 153 4.12 4.85 18.59
C VAL B 153 3.02 4.99 17.54
N ILE B 154 1.83 5.41 17.98
CA ILE B 154 0.78 5.87 17.09
C ILE B 154 0.57 7.34 17.32
N PHE B 155 0.59 8.12 16.24
CA PHE B 155 0.20 9.53 16.25
C PHE B 155 -1.12 9.62 15.50
N ALA B 156 -2.06 10.40 16.02
CA ALA B 156 -3.31 10.54 15.30
C ALA B 156 -3.83 11.95 15.43
N ASP B 157 -4.39 12.42 14.32
CA ASP B 157 -5.04 13.73 14.24
C ASP B 157 -6.54 13.48 14.24
N VAL B 158 -7.16 13.68 15.40
CA VAL B 158 -8.57 13.35 15.62
C VAL B 158 -9.42 14.61 15.49
N ALA B 159 -10.45 14.50 14.66
CA ALA B 159 -11.28 15.67 14.33
C ALA B 159 -12.66 15.24 13.89
N GLN B 160 -13.10 14.04 14.26
N GLN B 160 -13.09 14.03 14.26
CA GLN B 160 -14.45 13.57 14.05
CA GLN B 160 -14.45 13.55 14.05
C GLN B 160 -14.81 12.71 15.25
C GLN B 160 -14.81 12.71 15.26
N PRO B 161 -16.10 12.64 15.61
CA PRO B 161 -16.49 11.99 16.87
C PRO B 161 -16.28 10.48 16.92
N ASP B 162 -15.98 9.80 15.82
CA ASP B 162 -15.78 8.36 15.88
C ASP B 162 -14.32 7.97 15.80
N GLN B 163 -13.42 8.94 15.80
CA GLN B 163 -12.02 8.66 15.49
C GLN B 163 -11.16 8.23 16.68
N THR B 164 -11.44 8.60 17.94
CA THR B 164 -10.69 7.97 19.01
C THR B 164 -10.87 6.45 18.99
N ARG B 165 -12.08 5.97 18.76
CA ARG B 165 -12.27 4.54 18.70
C ARG B 165 -11.58 3.91 17.50
N ILE B 166 -11.45 4.66 16.40
CA ILE B 166 -10.66 4.17 15.26
C ILE B 166 -9.17 4.11 15.62
N VAL B 167 -8.66 5.13 16.31
CA VAL B 167 -7.27 5.05 16.76
C VAL B 167 -7.08 3.85 17.66
N ALA B 168 -8.01 3.60 18.57
CA ALA B 168 -7.88 2.43 19.43
C ALA B 168 -7.87 1.12 18.63
N LEU B 169 -8.77 0.99 17.67
CA LEU B 169 -8.77 -0.16 16.78
C LEU B 169 -7.38 -0.38 16.18
N ASN B 170 -6.76 0.69 15.69
CA ASN B 170 -5.45 0.58 15.10
C ASN B 170 -4.40 0.23 16.14
N ALA B 171 -4.54 0.74 17.37
CA ALA B 171 -3.59 0.37 18.40
C ALA B 171 -3.68 -1.12 18.72
N HIS B 172 -4.92 -1.63 18.83
CA HIS B 172 -5.11 -3.05 19.14
C HIS B 172 -4.51 -3.94 18.06
N THR B 173 -4.46 -3.44 16.82
CA THR B 173 -3.93 -4.17 15.66
C THR B 173 -2.42 -4.04 15.56
N PHE B 174 -1.87 -2.88 15.86
CA PHE B 174 -0.52 -2.54 15.44
C PHE B 174 0.42 -2.07 16.53
N LEU B 175 -0.05 -1.60 17.68
CA LEU B 175 0.81 -0.93 18.62
C LEU B 175 1.31 -1.92 19.66
N ARG B 176 2.63 -1.97 19.85
CA ARG B 176 3.20 -2.91 20.81
C ARG B 176 2.72 -2.61 22.22
N ASN B 177 2.60 -3.67 23.03
CA ASN B 177 2.44 -3.53 24.46
C ASN B 177 3.55 -2.66 25.04
N GLY B 178 3.15 -1.62 25.79
CA GLY B 178 4.10 -0.63 26.29
C GLY B 178 4.46 0.46 25.31
N GLY B 179 3.96 0.41 24.08
CA GLY B 179 4.15 1.49 23.13
C GLY B 179 3.32 2.67 23.56
N HIS B 180 3.42 3.76 22.81
CA HIS B 180 2.82 5.03 23.22
C HIS B 180 1.93 5.61 22.13
N PHE B 181 1.06 6.52 22.55
CA PHE B 181 0.24 7.24 21.57
C PHE B 181 0.35 8.74 21.81
N VAL B 182 0.14 9.48 20.74
CA VAL B 182 0.08 10.94 20.77
C VAL B 182 -1.11 11.32 19.90
N ILE B 183 -2.15 11.89 20.51
CA ILE B 183 -3.40 12.11 19.82
C ILE B 183 -3.79 13.57 19.95
N SER B 184 -4.04 14.22 18.83
CA SER B 184 -4.49 15.61 18.89
C SER B 184 -6.00 15.61 18.66
N ILE B 185 -6.69 16.52 19.34
CA ILE B 185 -8.14 16.58 19.36
C ILE B 185 -8.60 18.02 19.14
N LYS B 186 -9.31 18.25 18.03
CA LYS B 186 -9.97 19.52 17.77
C LYS B 186 -11.37 19.41 18.34
N ALA B 187 -11.62 20.08 19.46
CA ALA B 187 -12.86 19.85 20.19
C ALA B 187 -14.08 20.12 19.34
N ASN B 188 -14.09 21.20 18.56
CA ASN B 188 -15.36 21.57 17.95
C ASN B 188 -15.65 20.76 16.69
N CYS B 189 -14.69 19.98 16.21
CA CYS B 189 -14.99 18.94 15.22
C CYS B 189 -15.53 17.67 15.86
N ILE B 190 -15.34 17.47 17.16
CA ILE B 190 -15.94 16.33 17.82
C ILE B 190 -17.41 16.60 18.16
N ASP B 191 -17.68 17.74 18.80
CA ASP B 191 -19.05 18.06 19.23
C ASP B 191 -19.09 19.57 19.46
N SER B 192 -19.58 20.30 18.48
CA SER B 192 -19.52 21.74 18.61
C SER B 192 -20.56 22.27 19.60
N THR B 193 -21.45 21.41 20.10
CA THR B 193 -22.43 21.75 21.13
C THR B 193 -21.82 21.75 22.51
N ALA B 194 -20.60 21.20 22.66
CA ALA B 194 -20.00 20.94 23.96
C ALA B 194 -18.80 21.87 24.15
N SER B 195 -18.47 22.10 25.41
CA SER B 195 -17.28 22.87 25.70
C SER B 195 -16.06 22.01 25.41
N ALA B 196 -14.94 22.68 25.19
CA ALA B 196 -13.69 21.97 24.93
C ALA B 196 -13.37 21.01 26.06
N GLU B 197 -13.52 21.48 27.32
CA GLU B 197 -13.27 20.61 28.46
C GLU B 197 -14.13 19.35 28.41
N ALA B 198 -15.42 19.50 28.16
CA ALA B 198 -16.29 18.34 28.11
C ALA B 198 -15.87 17.40 26.98
N VAL B 199 -15.44 17.94 25.83
CA VAL B 199 -14.98 17.09 24.74
C VAL B 199 -13.73 16.30 25.15
N PHE B 200 -12.71 17.00 25.63
CA PHE B 200 -11.45 16.36 25.98
C PHE B 200 -11.67 15.30 27.06
N ALA B 201 -12.53 15.62 28.05
CA ALA B 201 -12.81 14.64 29.09
C ALA B 201 -13.44 13.39 28.50
N SER B 202 -14.40 13.58 27.60
CA SER B 202 -15.08 12.45 26.99
C SER B 202 -14.12 11.62 26.15
N GLU B 203 -13.20 12.27 25.44
CA GLU B 203 -12.29 11.52 24.59
C GLU B 203 -11.26 10.76 25.43
N VAL B 204 -10.81 11.37 26.54
CA VAL B 204 -9.89 10.70 27.46
C VAL B 204 -10.57 9.49 28.09
N LYS B 205 -11.86 9.61 28.39
CA LYS B 205 -12.60 8.49 28.94
C LYS B 205 -12.62 7.32 27.98
N LYS B 206 -12.83 7.61 26.69
CA LYS B 206 -12.77 6.56 25.68
C LYS B 206 -11.40 5.92 25.63
N MET B 207 -10.34 6.72 25.62
CA MET B 207 -9.00 6.16 25.59
C MET B 207 -8.79 5.18 26.73
N GLN B 208 -9.17 5.60 27.94
CA GLN B 208 -8.95 4.77 29.13
C GLN B 208 -9.59 3.41 28.96
N GLN B 209 -10.79 3.39 28.41
CA GLN B 209 -11.53 2.15 28.26
C GLN B 209 -10.83 1.20 27.32
N GLU B 210 -10.05 1.75 26.39
CA GLU B 210 -9.33 0.98 25.40
C GLU B 210 -7.90 0.66 25.85
N ASN B 211 -7.61 0.81 27.14
CA ASN B 211 -6.29 0.58 27.69
C ASN B 211 -5.24 1.54 27.15
N MET B 212 -5.66 2.71 26.73
CA MET B 212 -4.77 3.77 26.29
C MET B 212 -4.72 4.75 27.46
N LYS B 213 -3.69 4.63 28.28
CA LYS B 213 -3.66 5.37 29.54
C LYS B 213 -2.97 6.71 29.36
N PRO B 214 -3.67 7.84 29.55
CA PRO B 214 -2.98 9.13 29.42
C PRO B 214 -1.91 9.30 30.46
N GLN B 215 -0.77 9.81 30.02
CA GLN B 215 0.29 10.23 30.92
C GLN B 215 0.49 11.74 30.98
N GLU B 216 0.05 12.48 29.96
CA GLU B 216 0.00 13.94 30.03
C GLU B 216 -1.01 14.42 28.97
N GLN B 217 -1.55 15.60 29.20
CA GLN B 217 -2.39 16.26 28.21
C GLN B 217 -2.15 17.75 28.31
N LEU B 218 -2.27 18.43 27.17
CA LEU B 218 -2.06 19.87 27.14
C LEU B 218 -2.87 20.47 26.02
N THR B 219 -3.14 21.78 26.14
CA THR B 219 -3.75 22.49 25.03
C THR B 219 -2.68 23.30 24.30
N LEU B 220 -3.08 23.90 23.19
CA LEU B 220 -2.13 24.36 22.18
C LEU B 220 -2.17 25.87 21.98
N GLU B 221 -2.68 26.64 22.94
CA GLU B 221 -2.62 28.08 22.79
C GLU B 221 -1.16 28.53 22.88
N PRO B 222 -0.76 29.57 22.13
CA PRO B 222 -1.49 30.45 21.22
C PRO B 222 -1.65 29.98 19.79
N TYR B 223 -1.19 28.77 19.47
CA TYR B 223 -1.19 28.34 18.08
C TYR B 223 -2.57 27.92 17.63
N GLU B 224 -3.36 27.30 18.51
CA GLU B 224 -4.65 26.76 18.14
C GLU B 224 -5.62 26.98 19.29
N ARG B 225 -6.89 27.10 18.94
CA ARG B 225 -7.98 27.31 19.88
C ARG B 225 -8.67 25.98 20.17
N ASP B 226 -8.87 25.68 21.45
CA ASP B 226 -9.62 24.49 21.85
C ASP B 226 -9.15 23.24 21.10
N HIS B 227 -7.85 23.02 21.17
CA HIS B 227 -7.15 21.88 20.53
C HIS B 227 -6.24 21.26 21.58
N ALA B 228 -6.41 19.96 21.80
CA ALA B 228 -5.66 19.25 22.81
C ALA B 228 -4.70 18.25 22.18
N VAL B 229 -3.64 17.93 22.91
CA VAL B 229 -2.80 16.77 22.65
C VAL B 229 -2.75 15.92 23.91
N VAL B 230 -3.01 14.63 23.74
CA VAL B 230 -2.90 13.64 24.81
C VAL B 230 -1.79 12.66 24.47
N VAL B 231 -0.90 12.43 25.42
CA VAL B 231 0.19 11.46 25.29
C VAL B 231 0.00 10.36 26.31
N GLY B 232 0.23 9.12 25.90
CA GLY B 232 0.12 8.07 26.88
C GLY B 232 0.70 6.75 26.44
N VAL B 233 0.37 5.73 27.22
CA VAL B 233 0.97 4.42 27.07
C VAL B 233 -0.13 3.39 26.90
N TYR B 234 0.16 2.39 26.06
CA TYR B 234 -0.81 1.35 25.72
C TYR B 234 -0.49 0.11 26.54
N ARG B 235 -1.47 -0.34 27.33
CA ARG B 235 -1.29 -1.43 28.30
C ARG B 235 -2.40 -2.46 28.10
N PRO B 236 -2.38 -3.18 26.99
CA PRO B 236 -3.46 -4.13 26.71
C PRO B 236 -3.39 -5.32 27.65
N PRO B 237 -4.49 -6.04 27.82
CA PRO B 237 -4.47 -7.20 28.71
C PRO B 237 -3.91 -8.42 27.99
N PRO B 238 -3.58 -9.48 28.73
CA PRO B 238 -3.22 -10.74 28.09
C PRO B 238 -4.41 -11.40 27.39
C4 8W1 C . 8.56 -12.96 -13.09
C5 8W1 C . 9.12 -12.02 -13.93
C6 8W1 C . 9.52 -12.82 -15.02
C7 8W1 C . 9.26 -14.19 -14.96
C8 8W1 C . 9.46 -15.39 -15.78
C9 8W1 C . 9.28 -10.51 -13.74
N1 8W1 C . 8.64 -14.26 -13.70
N2 8W1 C . 8.97 -16.68 -15.23
C3 8W1 C . 8.16 -15.56 -13.16
C1 8W1 C . 7.84 -18.06 -13.38
C2 8W1 C . 8.33 -16.73 -13.90
F1 8W1 C . 8.84 -9.87 -14.87
F2 8W1 C . 8.50 -10.14 -12.69
F3 8W1 C . 10.59 -10.21 -13.48
O1 8W1 C . 10.05 -15.29 -17.00
H5 8W1 C . 7.91 -12.76 -12.56
H6 8W1 C . 10.27 -12.55 -15.49
H7 8W1 C . 9.08 -17.41 -15.68
H4 8W1 C . 7.74 -15.59 -12.32
H1 8W1 C . 8.15 -18.75 -13.93
H2 8W1 C . 6.90 -18.07 -13.37
H3 8W1 C . 8.16 -18.20 -12.51
C FMT D . 13.12 -12.45 -15.48
O1 FMT D . 13.40 -13.53 -16.02
O2 FMT D . 13.59 -12.14 -14.38
H FMT D . 12.47 -11.74 -15.98
HO2 FMT D . 14.13 -12.77 -13.87
C FMT E . 0.72 -19.38 -12.90
O1 FMT E . 0.48 -20.18 -13.81
O2 FMT E . 0.11 -19.51 -11.85
H FMT E . 1.54 -18.67 -12.96
HO2 FMT E . -0.21 -20.39 -11.57
C FMT F . 16.46 -21.30 -20.34
O1 FMT F . 15.46 -22.02 -20.40
O2 FMT F . 16.39 -20.07 -20.44
H FMT F . 17.46 -21.73 -20.28
HO2 FMT F . 15.62 -19.66 -20.87
C FMT G . -8.87 -33.86 -17.87
O1 FMT G . -9.57 -33.81 -18.88
O2 FMT G . -9.19 -33.29 -16.82
H FMT G . -7.88 -34.32 -17.90
HO2 FMT G . -8.51 -32.98 -16.18
C FMT H . -5.62 -29.40 -10.66
O1 FMT H . -5.71 -30.51 -11.20
O2 FMT H . -6.61 -28.76 -10.30
H FMT H . -4.65 -29.05 -10.30
HO2 FMT H . -7.39 -29.23 -9.93
S DMS I . 2.04 4.10 -22.53
O DMS I . 2.59 4.98 -23.61
C1 DMS I . 3.37 2.94 -22.12
C2 DMS I . 1.94 5.09 -21.02
H11 DMS I . 3.55 2.95 -21.08
H12 DMS I . 4.25 3.23 -22.63
H13 DMS I . 3.10 1.96 -22.42
H21 DMS I . 1.20 4.69 -20.38
H22 DMS I . 1.69 6.09 -21.26
H23 DMS I . 2.89 5.07 -20.53
C4 8W1 J . -7.88 10.76 11.57
C5 8W1 J . -8.05 9.38 11.45
C6 8W1 J . -7.89 9.20 10.06
C7 8W1 J . -7.65 10.33 9.29
C8 8W1 J . -7.43 10.68 7.89
C9 8W1 J . -8.31 8.34 12.51
N1 8W1 J . -7.62 11.32 10.28
N2 8W1 J . -7.16 12.09 7.54
C3 8W1 J . -7.38 12.75 9.93
C1 8W1 J . -6.89 14.58 8.21
C2 8W1 J . -7.16 13.13 8.60
F1 8W1 J . -7.43 7.27 12.38
F2 8W1 J . -8.09 8.94 13.71
F3 8W1 J . -9.61 7.93 12.38
O1 8W1 J . -7.42 9.65 6.97
H5 8W1 J . -7.54 11.10 12.27
H6 8W1 J . -8.36 8.50 9.66
H7 8W1 J . -7.01 12.32 6.73
H4 8W1 J . -7.37 13.40 10.60
H1 8W1 J . -6.93 14.66 7.28
H2 8W1 J . -6.03 14.82 8.50
H3 8W1 J . -7.53 15.13 8.60
C FMT K . -11.19 7.94 8.56
O1 FMT K . -11.15 8.50 7.45
O2 FMT K . -12.17 8.04 9.28
H FMT K . -10.41 7.25 8.87
HO2 FMT K . -12.90 8.64 9.04
C FMT L . -0.40 18.06 9.35
O1 FMT L . 0.44 17.50 8.63
O2 FMT L . -0.11 18.44 10.49
H FMT L . -1.41 18.22 9.00
HO2 FMT L . 0.54 17.94 11.03
C FMT M . -11.29 10.11 -1.64
O1 FMT M . -10.85 11.24 -1.86
O2 FMT M . -11.54 9.72 -0.50
H FMT M . -11.54 9.45 -2.46
HO2 FMT M . -11.47 10.33 0.26
S DMS N . 0.31 -5.79 19.70
O DMS N . 0.23 -7.27 19.47
C1 DMS N . -1.15 -5.05 18.90
C2 DMS N . -0.02 -5.46 21.46
H11 DMS N . -1.14 -5.28 17.86
H12 DMS N . -1.13 -3.99 19.02
H13 DMS N . -2.04 -5.43 19.33
H21 DMS N . 0.66 -6.00 22.06
H22 DMS N . -1.01 -5.75 21.69
H23 DMS N . 0.10 -4.42 21.65
#